data_4QY4
#
_entry.id   4QY4
#
_cell.length_a   64.346
_cell.length_b   64.346
_cell.length_c   89.117
_cell.angle_alpha   90.00
_cell.angle_beta   90.00
_cell.angle_gamma   120.00
#
_symmetry.space_group_name_H-M   'P 31'
#
loop_
_entity.id
_entity.type
_entity.pdbx_description
1 polymer 'SMARCA2 protein'
2 non-polymer 'ZINC ION'
3 water water
#
_entity_poly.entity_id   1
_entity_poly.type   'polypeptide(L)'
_entity_poly.pdbx_seq_one_letter_code
;SMAEKLSPNPPKLTKQMNAIIDTVINYKDSSGRQLSEVFIQLPSRKELPEYYELIRKPVDFKKIKERIRNHKYRSLGDLE
KDVMLLCHNAQTFNLEGSQIYEDSIVLQSVFKSARQKIAKEEE
;
_entity_poly.pdbx_strand_id   A,B,C
#
loop_
_chem_comp.id
_chem_comp.type
_chem_comp.name
_chem_comp.formula
ZN non-polymer 'ZINC ION' 'Zn 2'
#
# COMPACT_ATOMS: atom_id res chain seq x y z
N PRO A 11 7.51 19.52 6.84
CA PRO A 11 6.58 19.53 5.68
C PRO A 11 6.45 18.15 4.98
N LYS A 12 7.58 17.56 4.59
CA LYS A 12 7.61 16.18 4.18
C LYS A 12 7.76 15.26 5.40
N LEU A 13 8.03 15.81 6.58
CA LEU A 13 7.87 15.05 7.82
C LEU A 13 6.38 14.78 8.05
N THR A 14 5.57 15.82 8.03
CA THR A 14 4.13 15.66 8.13
C THR A 14 3.56 14.71 7.05
N LYS A 15 3.96 14.90 5.80
CA LYS A 15 3.58 14.02 4.69
C LYS A 15 4.00 12.55 4.99
N GLN A 16 5.23 12.37 5.44
CA GLN A 16 5.66 11.04 5.80
C GLN A 16 4.81 10.40 6.88
N MET A 17 4.50 11.16 7.92
CA MET A 17 3.78 10.61 9.07
C MET A 17 2.36 10.23 8.69
N ASN A 18 1.72 11.05 7.87
CA ASN A 18 0.37 10.70 7.42
C ASN A 18 0.39 9.51 6.52
N ALA A 19 1.45 9.40 5.72
CA ALA A 19 1.54 8.29 4.79
C ALA A 19 1.77 7.02 5.60
N ILE A 20 2.68 7.08 6.58
CA ILE A 20 2.92 5.93 7.44
C ILE A 20 1.63 5.51 8.22
N ILE A 21 0.99 6.47 8.91
CA ILE A 21 -0.19 6.12 9.69
C ILE A 21 -1.36 5.63 8.80
N ASP A 22 -1.52 6.23 7.65
CA ASP A 22 -2.56 5.79 6.69
C ASP A 22 -2.36 4.36 6.17
N THR A 23 -1.10 3.92 5.97
CA THR A 23 -0.80 2.51 5.64
C THR A 23 -1.20 1.57 6.77
N VAL A 24 -0.91 1.97 8.04
CA VAL A 24 -1.38 1.18 9.16
C VAL A 24 -2.93 1.10 9.28
N ILE A 25 -3.59 2.25 9.15
CA ILE A 25 -5.03 2.34 9.35
C ILE A 25 -5.78 1.53 8.29
N ASN A 26 -5.28 1.59 7.07
CA ASN A 26 -5.95 1.06 5.90
C ASN A 26 -5.64 -0.39 5.65
N TYR A 27 -4.64 -0.94 6.33
CA TYR A 27 -4.22 -2.30 6.11
C TYR A 27 -5.31 -3.33 6.42
N LYS A 28 -5.38 -4.32 5.52
CA LYS A 28 -6.36 -5.37 5.55
C LYS A 28 -5.63 -6.69 5.49
N ASP A 29 -6.09 -7.67 6.25
CA ASP A 29 -5.49 -8.97 6.18
C ASP A 29 -5.99 -9.68 4.88
N SER A 30 -5.61 -10.94 4.69
CA SER A 30 -5.91 -11.69 3.46
C SER A 30 -7.42 -11.94 3.37
N SER A 31 -8.14 -11.85 4.49
CA SER A 31 -9.60 -11.96 4.51
C SER A 31 -10.34 -10.69 4.07
N GLY A 32 -9.62 -9.57 3.88
CA GLY A 32 -10.23 -8.27 3.66
C GLY A 32 -10.58 -7.48 4.91
N ARG A 33 -10.26 -7.96 6.11
CA ARG A 33 -10.63 -7.23 7.34
C ARG A 33 -9.63 -6.12 7.72
N GLN A 34 -10.15 -4.93 7.93
CA GLN A 34 -9.34 -3.76 8.34
C GLN A 34 -8.98 -3.87 9.83
N LEU A 35 -7.73 -4.23 10.10
CA LEU A 35 -7.39 -4.58 11.47
C LEU A 35 -7.44 -3.36 12.38
N SER A 36 -7.24 -2.18 11.83
CA SER A 36 -7.23 -0.98 12.71
C SER A 36 -8.60 -0.61 13.31
N GLU A 37 -9.71 -1.14 12.76
CA GLU A 37 -11.04 -0.65 13.16
C GLU A 37 -11.22 -0.41 14.65
N VAL A 38 -10.89 -1.42 15.46
CA VAL A 38 -11.10 -1.41 16.90
C VAL A 38 -10.18 -0.35 17.58
N PHE A 39 -9.11 0.06 16.92
CA PHE A 39 -8.09 0.92 17.56
C PHE A 39 -8.25 2.40 17.19
N ILE A 40 -9.24 2.73 16.33
CA ILE A 40 -9.39 4.11 15.83
C ILE A 40 -9.78 5.04 16.98
N GLN A 41 -10.74 4.62 17.78
CA GLN A 41 -11.19 5.43 18.85
C GLN A 41 -11.50 4.56 20.05
N LEU A 42 -10.85 4.80 21.16
CA LEU A 42 -11.15 4.10 22.37
C LEU A 42 -12.60 4.24 22.79
N PRO A 43 -13.10 3.25 23.56
CA PRO A 43 -14.32 3.50 24.30
C PRO A 43 -14.05 4.55 25.37
N SER A 44 -15.07 5.35 25.65
CA SER A 44 -14.99 6.29 26.77
C SER A 44 -14.99 5.55 28.13
N ARG A 45 -14.61 6.30 29.15
CA ARG A 45 -14.54 5.82 30.53
C ARG A 45 -15.80 5.06 30.97
N LYS A 46 -16.96 5.46 30.45
CA LYS A 46 -18.24 4.96 30.96
C LYS A 46 -18.60 3.51 30.61
N GLU A 47 -18.54 3.14 29.32
CA GLU A 47 -18.91 1.77 28.93
C GLU A 47 -17.85 0.83 29.43
N LEU A 48 -16.61 1.32 29.48
CA LEU A 48 -15.46 0.48 29.78
C LEU A 48 -14.54 1.11 30.84
N PRO A 49 -14.95 0.98 32.13
CA PRO A 49 -14.23 1.57 33.24
C PRO A 49 -12.97 0.78 33.60
N GLU A 50 -13.01 -0.51 33.31
CA GLU A 50 -11.94 -1.44 33.64
C GLU A 50 -10.66 -1.14 32.81
N TYR A 51 -10.84 -0.65 31.58
CA TYR A 51 -9.72 -0.29 30.68
C TYR A 51 -8.86 0.83 31.28
N TYR A 52 -9.52 1.89 31.74
CA TYR A 52 -8.82 3.08 32.23
C TYR A 52 -8.21 2.90 33.62
N GLU A 53 -8.71 1.94 34.38
CA GLU A 53 -8.07 1.59 35.65
C GLU A 53 -6.79 0.77 35.43
N LEU A 54 -6.79 -0.16 34.46
CA LEU A 54 -5.59 -0.96 34.18
C LEU A 54 -4.60 -0.23 33.28
N ILE A 55 -5.09 0.55 32.32
CA ILE A 55 -4.21 1.20 31.36
C ILE A 55 -3.83 2.62 31.74
N ARG A 56 -2.55 2.87 31.92
CA ARG A 56 -2.10 4.12 32.51
C ARG A 56 -2.04 5.27 31.50
N LYS A 57 -1.76 4.95 30.22
CA LYS A 57 -1.66 5.97 29.18
C LYS A 57 -2.43 5.54 27.93
N PRO A 58 -3.75 5.74 27.94
CA PRO A 58 -4.53 5.26 26.82
C PRO A 58 -4.21 6.08 25.60
N VAL A 59 -4.26 5.45 24.44
CA VAL A 59 -4.14 6.17 23.19
C VAL A 59 -4.87 5.45 22.05
N ASP A 60 -5.33 6.19 21.02
CA ASP A 60 -5.98 5.62 19.86
C ASP A 60 -5.46 6.33 18.61
N PHE A 61 -5.75 5.79 17.44
CA PHE A 61 -5.28 6.38 16.23
C PHE A 61 -5.87 7.76 15.94
N LYS A 62 -7.08 8.02 16.35
CA LYS A 62 -7.57 9.43 16.30
C LYS A 62 -6.66 10.39 17.04
N LYS A 63 -6.24 10.01 18.25
CA LYS A 63 -5.31 10.85 19.00
C LYS A 63 -3.97 10.96 18.30
N ILE A 64 -3.47 9.86 17.74
CA ILE A 64 -2.19 9.92 17.00
C ILE A 64 -2.32 10.85 15.77
N LYS A 65 -3.46 10.78 15.07
CA LYS A 65 -3.73 11.66 13.95
C LYS A 65 -3.80 13.12 14.40
N GLU A 66 -4.44 13.39 15.53
CA GLU A 66 -4.43 14.73 16.14
C GLU A 66 -3.00 15.24 16.42
N ARG A 67 -2.18 14.43 17.07
CA ARG A 67 -0.80 14.77 17.29
C ARG A 67 0.06 15.03 15.99
N ILE A 68 -0.19 14.29 14.89
CA ILE A 68 0.47 14.58 13.64
C ILE A 68 0.00 15.96 13.10
N ARG A 69 -1.32 16.14 13.03
CA ARG A 69 -1.95 17.34 12.44
C ARG A 69 -1.52 18.60 13.17
N ASN A 70 -1.46 18.54 14.51
CA ASN A 70 -1.06 19.65 15.34
C ASN A 70 0.43 19.76 15.57
N HIS A 71 1.18 18.94 14.84
CA HIS A 71 2.62 19.10 14.71
C HIS A 71 3.32 18.73 16.03
N LYS A 72 2.80 17.74 16.76
CA LYS A 72 3.33 17.47 18.12
C LYS A 72 4.47 16.46 18.08
N TYR A 73 4.60 15.74 16.97
CA TYR A 73 5.68 14.76 16.83
C TYR A 73 6.93 15.40 16.17
N ARG A 74 8.06 15.35 16.86
CA ARG A 74 9.28 16.00 16.42
C ARG A 74 10.05 15.14 15.42
N SER A 75 9.87 13.82 15.51
CA SER A 75 10.50 12.88 14.62
C SER A 75 9.60 11.69 14.38
N LEU A 76 10.05 10.82 13.49
CA LEU A 76 9.39 9.54 13.28
C LEU A 76 9.46 8.62 14.49
N GLY A 77 10.59 8.70 15.20
CA GLY A 77 10.72 8.07 16.52
C GLY A 77 9.67 8.46 17.54
N ASP A 78 9.25 9.72 17.57
CA ASP A 78 8.24 10.12 18.55
C ASP A 78 6.88 9.55 18.16
N LEU A 79 6.62 9.50 16.85
CA LEU A 79 5.41 8.86 16.36
C LEU A 79 5.41 7.36 16.66
N GLU A 80 6.56 6.72 16.46
CA GLU A 80 6.67 5.31 16.67
C GLU A 80 6.40 4.99 18.11
N LYS A 81 6.90 5.82 19.02
CA LYS A 81 6.64 5.60 20.43
C LYS A 81 5.15 5.55 20.78
N ASP A 82 4.34 6.40 20.20
CA ASP A 82 2.90 6.36 20.43
C ASP A 82 2.23 5.16 19.76
N VAL A 83 2.67 4.81 18.56
CA VAL A 83 2.11 3.62 17.91
C VAL A 83 2.47 2.34 18.77
N MET A 84 3.70 2.23 19.25
CA MET A 84 4.11 1.12 20.10
C MET A 84 3.38 1.07 21.42
N LEU A 85 3.10 2.25 22.00
CA LEU A 85 2.21 2.31 23.14
C LEU A 85 0.78 1.81 22.91
N LEU A 86 0.12 2.28 21.85
CA LEU A 86 -1.18 1.78 21.42
C LEU A 86 -1.20 0.24 21.41
N CYS A 87 -0.21 -0.36 20.73
CA CYS A 87 -0.14 -1.80 20.59
C CYS A 87 0.16 -2.46 21.92
N HIS A 88 1.09 -1.90 22.67
CA HIS A 88 1.36 -2.39 24.00
C HIS A 88 0.13 -2.37 24.92
N ASN A 89 -0.65 -1.28 24.88
CA ASN A 89 -1.88 -1.20 25.70
C ASN A 89 -2.86 -2.29 25.32
N ALA A 90 -3.02 -2.51 24.04
CA ALA A 90 -3.88 -3.55 23.54
C ALA A 90 -3.48 -4.95 24.02
N GLN A 91 -2.17 -5.22 23.99
CA GLN A 91 -1.62 -6.49 24.47
C GLN A 91 -1.66 -6.59 26.00
N THR A 92 -1.65 -5.48 26.74
CA THR A 92 -1.86 -5.50 28.20
C THR A 92 -3.31 -5.80 28.53
N PHE A 93 -4.24 -5.09 27.91
CA PHE A 93 -5.66 -5.27 28.24
C PHE A 93 -6.28 -6.57 27.76
N ASN A 94 -5.90 -7.04 26.57
CA ASN A 94 -6.56 -8.21 25.99
C ASN A 94 -5.75 -9.50 26.19
N LEU A 95 -6.41 -10.65 26.16
CA LEU A 95 -5.71 -11.93 26.38
C LEU A 95 -4.74 -12.23 25.23
N GLU A 96 -3.60 -12.81 25.56
CA GLU A 96 -2.72 -13.37 24.56
C GLU A 96 -3.50 -14.39 23.72
N GLY A 97 -3.35 -14.26 22.40
CA GLY A 97 -4.07 -15.09 21.46
C GLY A 97 -5.47 -14.61 21.07
N SER A 98 -6.00 -13.57 21.73
CA SER A 98 -7.31 -13.03 21.34
C SER A 98 -7.13 -12.26 20.05
N GLN A 99 -8.25 -11.98 19.37
CA GLN A 99 -8.18 -11.35 18.07
C GLN A 99 -7.54 -9.95 18.16
N ILE A 100 -7.92 -9.19 19.18
CA ILE A 100 -7.46 -7.84 19.38
C ILE A 100 -5.95 -7.82 19.71
N TYR A 101 -5.51 -8.74 20.57
CA TYR A 101 -4.07 -8.88 20.91
C TYR A 101 -3.28 -9.17 19.65
N GLU A 102 -3.74 -10.16 18.88
CA GLU A 102 -3.00 -10.62 17.70
C GLU A 102 -3.00 -9.59 16.55
N ASP A 103 -4.09 -8.82 16.47
CA ASP A 103 -4.19 -7.75 15.46
C ASP A 103 -3.16 -6.69 15.77
N SER A 104 -3.02 -6.34 17.03
CA SER A 104 -2.04 -5.32 17.45
C SER A 104 -0.61 -5.71 17.13
N ILE A 105 -0.32 -7.01 17.19
CA ILE A 105 1.01 -7.52 16.82
C ILE A 105 1.30 -7.24 15.35
N VAL A 106 0.32 -7.51 14.51
CA VAL A 106 0.46 -7.35 13.06
C VAL A 106 0.55 -5.86 12.75
N LEU A 107 -0.27 -5.06 13.42
CA LEU A 107 -0.18 -3.60 13.17
C LEU A 107 1.19 -2.99 13.52
N GLN A 108 1.84 -3.48 14.59
CA GLN A 108 3.22 -3.07 14.98
C GLN A 108 4.14 -3.29 13.80
N SER A 109 4.13 -4.54 13.30
CA SER A 109 4.91 -4.89 12.14
C SER A 109 4.53 -4.11 10.83
N VAL A 110 3.24 -3.89 10.58
CA VAL A 110 2.83 -2.95 9.52
C VAL A 110 3.42 -1.54 9.63
N PHE A 111 3.35 -0.92 10.83
CA PHE A 111 4.03 0.33 11.06
C PHE A 111 5.53 0.27 10.75
N LYS A 112 6.24 -0.71 11.27
CA LYS A 112 7.68 -0.76 11.02
C LYS A 112 8.00 -0.88 9.54
N SER A 113 7.32 -1.78 8.82
CA SER A 113 7.52 -1.90 7.36
C SER A 113 7.15 -0.64 6.64
N ALA A 114 6.05 0.01 7.03
CA ALA A 114 5.67 1.26 6.34
C ALA A 114 6.71 2.36 6.56
N ARG A 115 7.18 2.49 7.80
CA ARG A 115 8.22 3.42 8.08
C ARG A 115 9.50 3.14 7.26
N GLN A 116 9.86 1.87 7.10
CA GLN A 116 11.07 1.52 6.34
C GLN A 116 10.91 1.79 4.85
N LYS A 117 9.73 1.44 4.33
CA LYS A 117 9.37 1.70 2.95
C LYS A 117 9.32 3.18 2.62
N ILE A 118 8.75 3.97 3.54
CA ILE A 118 8.41 5.38 3.25
C ILE A 118 9.57 6.33 3.57
N ALA A 119 10.18 6.17 4.73
CA ALA A 119 11.19 7.11 5.18
C ALA A 119 12.29 6.32 5.86
N LYS A 120 12.97 5.51 5.03
CA LYS A 120 13.97 4.54 5.49
C LYS A 120 14.91 5.07 6.61
N LEU B 13 11.70 -1.92 -23.27
CA LEU B 13 10.71 -0.88 -22.88
C LEU B 13 10.76 -0.77 -21.36
N THR B 14 10.68 0.47 -20.94
CA THR B 14 10.68 0.84 -19.55
C THR B 14 9.45 0.24 -18.88
N LYS B 15 8.32 0.22 -19.61
CA LYS B 15 7.05 -0.22 -19.02
C LYS B 15 7.04 -1.72 -18.69
N GLN B 16 7.61 -2.54 -19.56
CA GLN B 16 7.76 -3.95 -19.25
C GLN B 16 8.67 -4.15 -18.04
N MET B 17 9.80 -3.46 -17.99
CA MET B 17 10.77 -3.65 -16.88
C MET B 17 10.16 -3.21 -15.53
N ASN B 18 9.41 -2.10 -15.52
CA ASN B 18 8.74 -1.68 -14.28
C ASN B 18 7.69 -2.69 -13.82
N ALA B 19 7.02 -3.35 -14.77
CA ALA B 19 5.98 -4.26 -14.39
C ALA B 19 6.60 -5.53 -13.76
N ILE B 20 7.69 -6.00 -14.39
CA ILE B 20 8.42 -7.14 -13.94
C ILE B 20 9.02 -6.90 -12.55
N ILE B 21 9.63 -5.74 -12.32
CA ILE B 21 10.28 -5.51 -10.98
C ILE B 21 9.23 -5.26 -9.92
N ASP B 22 8.15 -4.57 -10.28
CA ASP B 22 7.07 -4.36 -9.33
C ASP B 22 6.40 -5.67 -8.88
N THR B 23 6.28 -6.65 -9.77
CA THR B 23 5.87 -8.03 -9.40
C THR B 23 6.77 -8.69 -8.35
N VAL B 24 8.09 -8.54 -8.50
CA VAL B 24 9.03 -9.05 -7.56
C VAL B 24 8.89 -8.35 -6.21
N ILE B 25 8.82 -7.01 -6.25
CA ILE B 25 8.79 -6.23 -5.03
C ILE B 25 7.50 -6.49 -4.23
N ASN B 26 6.39 -6.59 -4.95
CA ASN B 26 5.09 -6.81 -4.37
C ASN B 26 4.82 -8.23 -3.94
N TYR B 27 5.65 -9.18 -4.42
CA TYR B 27 5.42 -10.61 -4.15
C TYR B 27 5.31 -10.89 -2.65
N LYS B 28 4.28 -11.65 -2.28
CA LYS B 28 4.08 -12.15 -0.90
C LYS B 28 4.10 -13.66 -0.91
N ASP B 29 4.72 -14.27 0.08
CA ASP B 29 4.65 -15.72 0.17
C ASP B 29 3.28 -16.11 0.75
N SER B 30 3.06 -17.42 0.89
CA SER B 30 1.76 -17.97 1.30
C SER B 30 1.37 -17.42 2.67
N SER B 31 2.36 -16.89 3.41
CA SER B 31 2.15 -16.51 4.80
C SER B 31 1.76 -15.04 4.82
N GLY B 32 1.87 -14.37 3.68
CA GLY B 32 1.53 -12.96 3.59
C GLY B 32 2.74 -12.00 3.62
N ARG B 33 3.96 -12.53 3.75
CA ARG B 33 5.17 -11.72 3.92
C ARG B 33 5.73 -11.24 2.59
N GLN B 34 5.93 -9.94 2.45
CA GLN B 34 6.60 -9.38 1.28
C GLN B 34 8.10 -9.64 1.34
N LEU B 35 8.57 -10.55 0.52
CA LEU B 35 9.94 -11.04 0.62
C LEU B 35 10.98 -9.98 0.26
N SER B 36 10.62 -9.05 -0.62
CA SER B 36 11.54 -7.99 -1.07
C SER B 36 11.93 -6.95 0.01
N GLU B 37 11.15 -6.85 1.08
CA GLU B 37 11.34 -5.79 2.04
C GLU B 37 12.77 -5.45 2.40
N VAL B 38 13.56 -6.45 2.81
CA VAL B 38 14.94 -6.15 3.27
C VAL B 38 15.91 -5.81 2.14
N PHE B 39 15.49 -6.09 0.90
CA PHE B 39 16.29 -5.88 -0.28
C PHE B 39 16.06 -4.52 -1.02
N ILE B 40 15.10 -3.71 -0.54
CA ILE B 40 14.73 -2.51 -1.21
C ILE B 40 15.88 -1.48 -1.12
N GLN B 41 16.42 -1.27 0.07
CA GLN B 41 17.51 -0.28 0.24
C GLN B 41 18.56 -0.82 1.26
N LEU B 42 19.80 -0.95 0.80
CA LEU B 42 20.90 -1.42 1.64
C LEU B 42 21.16 -0.41 2.72
N PRO B 43 21.67 -0.87 3.87
CA PRO B 43 22.21 0.09 4.83
C PRO B 43 23.35 0.87 4.21
N SER B 44 23.60 2.06 4.76
CA SER B 44 24.64 2.95 4.24
C SER B 44 25.96 2.39 4.65
N ARG B 45 27.00 2.84 3.98
CA ARG B 45 28.37 2.48 4.29
C ARG B 45 28.78 2.78 5.73
N LYS B 46 28.18 3.81 6.31
CA LYS B 46 28.50 4.25 7.67
C LYS B 46 27.77 3.44 8.69
N GLU B 47 26.61 2.95 8.35
CA GLU B 47 25.83 2.12 9.26
C GLU B 47 26.36 0.69 9.36
N LEU B 48 26.74 0.15 8.23
CA LEU B 48 27.15 -1.26 8.11
C LEU B 48 28.35 -1.40 7.20
N PRO B 49 29.49 -0.82 7.63
CA PRO B 49 30.67 -0.88 6.78
C PRO B 49 31.11 -2.28 6.50
N GLU B 50 30.81 -3.19 7.45
CA GLU B 50 31.17 -4.59 7.34
C GLU B 50 30.58 -5.19 6.05
N TYR B 51 29.39 -4.75 5.64
CA TYR B 51 28.79 -5.21 4.38
C TYR B 51 29.64 -4.90 3.16
N TYR B 52 30.12 -3.66 3.09
CA TYR B 52 30.82 -3.14 1.92
C TYR B 52 32.23 -3.67 1.83
N GLU B 53 32.78 -4.17 2.94
CA GLU B 53 34.09 -4.80 2.95
C GLU B 53 34.04 -6.14 2.26
N LEU B 54 32.88 -6.80 2.28
CA LEU B 54 32.75 -8.14 1.76
C LEU B 54 32.13 -8.21 0.35
N ILE B 55 31.19 -7.31 0.06
CA ILE B 55 30.43 -7.36 -1.18
C ILE B 55 31.02 -6.37 -2.15
N ARG B 56 31.59 -6.83 -3.27
CA ARG B 56 32.34 -5.88 -4.11
C ARG B 56 31.51 -5.07 -5.12
N LYS B 57 30.31 -5.57 -5.47
CA LYS B 57 29.36 -4.78 -6.28
C LYS B 57 27.97 -4.75 -5.61
N PRO B 58 27.81 -3.91 -4.59
CA PRO B 58 26.49 -3.77 -3.94
C PRO B 58 25.40 -3.27 -4.87
N VAL B 59 24.18 -3.76 -4.67
CA VAL B 59 23.02 -3.34 -5.43
C VAL B 59 21.74 -3.57 -4.61
N ASP B 60 20.74 -2.74 -4.77
CA ASP B 60 19.43 -2.96 -4.11
C ASP B 60 18.27 -2.69 -5.08
N PHE B 61 17.01 -3.02 -4.73
CA PHE B 61 15.93 -2.78 -5.70
C PHE B 61 15.74 -1.29 -6.00
N LYS B 62 16.09 -0.40 -5.07
CA LYS B 62 15.97 1.02 -5.33
C LYS B 62 16.89 1.41 -6.48
N LYS B 63 18.13 0.90 -6.46
CA LYS B 63 19.08 1.13 -7.55
C LYS B 63 18.58 0.56 -8.90
N ILE B 64 18.02 -0.63 -8.87
CA ILE B 64 17.52 -1.25 -10.09
C ILE B 64 16.33 -0.43 -10.67
N LYS B 65 15.44 0.05 -9.82
CA LYS B 65 14.37 0.94 -10.24
C LYS B 65 14.93 2.21 -10.83
N GLU B 66 15.96 2.76 -10.19
CA GLU B 66 16.70 3.88 -10.74
C GLU B 66 17.27 3.59 -12.16
N ARG B 67 17.98 2.50 -12.33
CA ARG B 67 18.53 2.14 -13.64
C ARG B 67 17.44 1.97 -14.70
N ILE B 68 16.30 1.43 -14.31
CA ILE B 68 15.16 1.33 -15.24
C ILE B 68 14.67 2.70 -15.62
N ARG B 69 14.31 3.48 -14.59
CA ARG B 69 13.83 4.86 -14.74
C ARG B 69 14.65 5.72 -15.68
N ASN B 70 15.96 5.57 -15.58
CA ASN B 70 16.89 6.34 -16.34
C ASN B 70 17.43 5.66 -17.58
N HIS B 71 16.77 4.58 -18.00
CA HIS B 71 17.04 3.92 -19.28
C HIS B 71 18.41 3.30 -19.40
N LYS B 72 18.93 2.75 -18.32
CA LYS B 72 20.30 2.25 -18.31
C LYS B 72 20.46 0.75 -18.63
N TYR B 73 19.37 0.03 -18.74
CA TYR B 73 19.38 -1.36 -19.10
C TYR B 73 19.05 -1.40 -20.58
N ARG B 74 19.97 -1.82 -21.42
CA ARG B 74 19.70 -1.90 -22.85
C ARG B 74 18.71 -3.04 -23.19
N SER B 75 18.66 -4.08 -22.38
CA SER B 75 17.71 -5.14 -22.59
C SER B 75 17.33 -5.81 -21.28
N LEU B 76 16.38 -6.73 -21.39
CA LEU B 76 15.87 -7.53 -20.29
C LEU B 76 16.91 -8.41 -19.62
N GLY B 77 17.87 -8.90 -20.40
CA GLY B 77 19.01 -9.62 -19.83
C GLY B 77 19.95 -8.75 -19.00
N ASP B 78 20.10 -7.46 -19.34
CA ASP B 78 20.91 -6.55 -18.52
C ASP B 78 20.23 -6.40 -17.17
N LEU B 79 18.90 -6.38 -17.18
CA LEU B 79 18.07 -6.27 -15.95
C LEU B 79 18.17 -7.51 -15.09
N GLU B 80 17.98 -8.64 -15.72
CA GLU B 80 18.42 -9.91 -15.17
C GLU B 80 19.67 -9.96 -14.33
N LYS B 81 20.78 -9.65 -14.99
CA LYS B 81 22.10 -9.61 -14.39
C LYS B 81 22.10 -8.86 -13.09
N ASP B 82 21.43 -7.70 -13.06
CA ASP B 82 21.42 -6.89 -11.84
C ASP B 82 20.59 -7.53 -10.73
N VAL B 83 19.47 -8.12 -11.10
CA VAL B 83 18.65 -8.89 -10.09
C VAL B 83 19.36 -10.10 -9.53
N MET B 84 19.99 -10.87 -10.42
CA MET B 84 20.77 -12.06 -9.98
C MET B 84 21.94 -11.65 -9.07
N LEU B 85 22.59 -10.55 -9.44
CA LEU B 85 23.62 -9.93 -8.61
C LEU B 85 23.09 -9.61 -7.21
N LEU B 86 21.92 -8.97 -7.15
CA LEU B 86 21.31 -8.66 -5.83
C LEU B 86 21.19 -9.94 -4.99
N CYS B 87 20.64 -10.98 -5.61
CA CYS B 87 20.35 -12.22 -4.91
C CYS B 87 21.68 -12.88 -4.52
N HIS B 88 22.63 -12.82 -5.42
CA HIS B 88 23.95 -13.34 -5.14
C HIS B 88 24.68 -12.69 -3.95
N ASN B 89 24.63 -11.35 -3.85
CA ASN B 89 25.23 -10.66 -2.71
C ASN B 89 24.53 -11.04 -1.40
N ALA B 90 23.20 -11.12 -1.42
CA ALA B 90 22.43 -11.56 -0.31
C ALA B 90 22.89 -12.96 0.15
N GLN B 91 23.03 -13.88 -0.79
CA GLN B 91 23.52 -15.24 -0.45
C GLN B 91 24.97 -15.25 0.05
N THR B 92 25.78 -14.31 -0.47
CA THR B 92 27.18 -14.12 -0.02
C THR B 92 27.25 -13.63 1.46
N PHE B 93 26.48 -12.58 1.81
CA PHE B 93 26.52 -12.00 3.16
C PHE B 93 25.79 -12.80 4.21
N ASN B 94 24.68 -13.45 3.86
CA ASN B 94 23.87 -14.12 4.85
C ASN B 94 24.16 -15.62 4.87
N LEU B 95 24.02 -16.22 6.04
CA LEU B 95 24.23 -17.68 6.20
C LEU B 95 23.31 -18.52 5.35
N GLU B 96 23.86 -19.61 4.81
CA GLU B 96 23.05 -20.57 4.06
C GLU B 96 21.94 -21.01 5.00
N GLY B 97 20.72 -21.08 4.49
CA GLY B 97 19.61 -21.55 5.33
C GLY B 97 18.95 -20.48 6.19
N SER B 98 19.57 -19.30 6.26
CA SER B 98 18.89 -18.15 6.85
C SER B 98 17.69 -17.65 6.01
N GLN B 99 16.75 -16.98 6.67
CA GLN B 99 15.57 -16.45 6.01
C GLN B 99 15.93 -15.56 4.81
N ILE B 100 16.88 -14.65 4.99
CA ILE B 100 17.24 -13.67 3.94
C ILE B 100 17.85 -14.45 2.79
N TYR B 101 18.79 -15.36 3.08
CA TYR B 101 19.33 -16.29 2.04
C TYR B 101 18.24 -17.03 1.23
N GLU B 102 17.30 -17.64 1.94
CA GLU B 102 16.24 -18.38 1.30
C GLU B 102 15.30 -17.43 0.55
N ASP B 103 15.05 -16.25 1.12
CA ASP B 103 14.15 -15.31 0.44
C ASP B 103 14.73 -14.92 -0.91
N SER B 104 16.04 -14.74 -0.96
CA SER B 104 16.69 -14.30 -2.22
C SER B 104 16.60 -15.38 -3.27
N ILE B 105 16.60 -16.65 -2.84
CA ILE B 105 16.39 -17.74 -3.80
C ILE B 105 15.00 -17.66 -4.39
N VAL B 106 14.00 -17.44 -3.57
CA VAL B 106 12.64 -17.34 -4.06
C VAL B 106 12.50 -16.14 -5.03
N LEU B 107 13.14 -14.99 -4.72
CA LEU B 107 12.98 -13.81 -5.56
C LEU B 107 13.64 -14.01 -6.93
N GLN B 108 14.72 -14.80 -7.03
CA GLN B 108 15.24 -15.18 -8.36
C GLN B 108 14.15 -15.83 -9.18
N SER B 109 13.46 -16.82 -8.59
CA SER B 109 12.37 -17.50 -9.32
C SER B 109 11.24 -16.57 -9.64
N VAL B 110 10.88 -15.65 -8.71
CA VAL B 110 9.76 -14.71 -8.97
C VAL B 110 10.10 -13.81 -10.16
N PHE B 111 11.33 -13.30 -10.22
CA PHE B 111 11.78 -12.51 -11.37
C PHE B 111 11.76 -13.29 -12.71
N LYS B 112 12.21 -14.52 -12.70
CA LYS B 112 12.15 -15.36 -13.92
C LYS B 112 10.69 -15.66 -14.32
N SER B 113 9.81 -16.00 -13.38
CA SER B 113 8.39 -16.20 -13.72
C SER B 113 7.74 -14.90 -14.20
N ALA B 114 8.08 -13.78 -13.57
CA ALA B 114 7.48 -12.52 -13.95
C ALA B 114 7.96 -12.10 -15.33
N ARG B 115 9.23 -12.30 -15.62
CA ARG B 115 9.77 -12.00 -16.94
C ARG B 115 9.08 -12.80 -18.04
N GLN B 116 8.97 -14.12 -17.88
CA GLN B 116 8.27 -14.96 -18.90
C GLN B 116 6.79 -14.60 -19.09
N LYS B 117 6.10 -14.38 -17.98
CA LYS B 117 4.71 -13.95 -18.00
C LYS B 117 4.46 -12.58 -18.64
N ILE B 118 5.24 -11.57 -18.24
CA ILE B 118 4.99 -10.20 -18.72
C ILE B 118 5.58 -9.98 -20.12
N ALA B 119 6.75 -10.56 -20.40
CA ALA B 119 7.50 -10.29 -21.63
C ALA B 119 7.27 -11.24 -22.83
N LYS B 120 7.30 -12.56 -22.62
CA LYS B 120 7.33 -13.60 -23.70
C LYS B 120 8.57 -13.55 -24.60
N LEU C 13 -25.16 21.11 -3.10
CA LEU C 13 -25.23 19.64 -3.45
C LEU C 13 -24.34 19.31 -4.66
N THR C 14 -24.49 20.05 -5.75
CA THR C 14 -23.60 19.94 -6.94
C THR C 14 -22.16 20.14 -6.50
N LYS C 15 -21.93 20.94 -5.45
CA LYS C 15 -20.59 21.23 -4.97
C LYS C 15 -20.11 20.13 -4.12
N GLN C 16 -21.00 19.51 -3.35
CA GLN C 16 -20.63 18.34 -2.63
C GLN C 16 -20.35 17.17 -3.60
N MET C 17 -21.20 16.99 -4.60
CA MET C 17 -20.91 15.92 -5.60
C MET C 17 -19.48 16.10 -6.17
N ASN C 18 -19.12 17.32 -6.59
CA ASN C 18 -17.84 17.56 -7.23
C ASN C 18 -16.72 17.39 -6.23
N ALA C 19 -16.97 17.79 -4.97
CA ALA C 19 -15.97 17.60 -3.92
C ALA C 19 -15.73 16.11 -3.60
N ILE C 20 -16.81 15.34 -3.48
CA ILE C 20 -16.66 13.90 -3.31
C ILE C 20 -15.87 13.27 -4.45
N ILE C 21 -16.21 13.59 -5.68
CA ILE C 21 -15.56 12.95 -6.83
C ILE C 21 -14.13 13.44 -7.01
N ASP C 22 -13.88 14.72 -6.75
CA ASP C 22 -12.50 15.23 -6.82
C ASP C 22 -11.66 14.62 -5.73
N THR C 23 -12.27 14.21 -4.61
CA THR C 23 -11.54 13.54 -3.57
C THR C 23 -11.19 12.12 -4.02
N VAL C 24 -12.12 11.45 -4.69
CA VAL C 24 -11.82 10.11 -5.22
C VAL C 24 -10.74 10.16 -6.33
N ILE C 25 -10.88 11.12 -7.26
CA ILE C 25 -9.94 11.29 -8.39
C ILE C 25 -8.55 11.63 -7.92
N ASN C 26 -8.46 12.54 -6.94
CA ASN C 26 -7.19 13.06 -6.46
C ASN C 26 -6.51 12.10 -5.54
N TYR C 27 -7.28 11.14 -4.98
CA TYR C 27 -6.79 10.26 -3.93
C TYR C 27 -5.54 9.51 -4.31
N LYS C 28 -4.59 9.41 -3.37
CA LYS C 28 -3.30 8.82 -3.65
C LYS C 28 -2.91 7.85 -2.57
N ASP C 29 -2.14 6.83 -2.97
CA ASP C 29 -1.67 5.79 -2.07
C ASP C 29 -0.27 6.16 -1.50
N SER C 30 0.49 5.19 -0.99
CA SER C 30 1.84 5.43 -0.41
C SER C 30 2.90 5.98 -1.38
N SER C 31 3.11 5.33 -2.53
CA SER C 31 4.01 5.91 -3.54
C SER C 31 3.41 7.19 -4.05
N GLY C 32 2.29 7.62 -3.47
CA GLY C 32 1.54 8.74 -4.00
C GLY C 32 0.95 8.40 -5.36
N ARG C 33 0.63 7.11 -5.57
CA ARG C 33 0.02 6.69 -6.84
C ARG C 33 -1.44 7.14 -6.86
N GLN C 34 -1.77 7.98 -7.82
CA GLN C 34 -3.16 8.38 -8.05
C GLN C 34 -3.92 7.19 -8.68
N LEU C 35 -4.70 6.50 -7.87
CA LEU C 35 -5.33 5.21 -8.24
C LEU C 35 -6.30 5.36 -9.43
N SER C 36 -6.98 6.50 -9.44
CA SER C 36 -8.05 6.79 -10.35
C SER C 36 -7.59 6.93 -11.80
N GLU C 37 -6.29 6.85 -12.05
CA GLU C 37 -5.72 7.25 -13.35
C GLU C 37 -6.37 6.46 -14.52
N VAL C 38 -6.29 5.13 -14.46
CA VAL C 38 -6.83 4.33 -15.57
C VAL C 38 -8.38 4.41 -15.73
N PHE C 39 -9.11 4.89 -14.70
CA PHE C 39 -10.58 4.92 -14.62
C PHE C 39 -11.17 6.27 -15.08
N ILE C 40 -10.32 7.25 -15.40
CA ILE C 40 -10.79 8.58 -15.86
C ILE C 40 -11.51 8.50 -17.20
N GLN C 41 -10.83 7.89 -18.16
CA GLN C 41 -11.39 7.73 -19.47
C GLN C 41 -11.22 6.31 -20.00
N LEU C 42 -12.32 5.65 -20.36
CA LEU C 42 -12.23 4.32 -20.96
C LEU C 42 -11.70 4.43 -22.40
N PRO C 43 -10.97 3.42 -22.86
CA PRO C 43 -10.71 3.34 -24.31
C PRO C 43 -12.00 3.33 -25.15
N SER C 44 -11.96 3.78 -26.39
CA SER C 44 -13.11 3.71 -27.28
C SER C 44 -13.62 2.27 -27.54
N ARG C 45 -14.86 2.17 -28.02
CA ARG C 45 -15.39 0.88 -28.50
C ARG C 45 -14.44 0.23 -29.55
N LYS C 46 -13.91 1.03 -30.46
CA LYS C 46 -12.95 0.54 -31.48
C LYS C 46 -11.65 0.07 -30.88
N GLU C 47 -11.08 0.83 -29.93
CA GLU C 47 -9.84 0.44 -29.25
C GLU C 47 -9.96 -0.85 -28.49
N LEU C 48 -11.11 -1.08 -27.86
CA LEU C 48 -11.25 -2.17 -26.94
C LEU C 48 -12.63 -2.81 -26.96
N PRO C 49 -12.97 -3.47 -28.09
CA PRO C 49 -14.33 -3.96 -28.25
C PRO C 49 -14.67 -5.10 -27.30
N GLU C 50 -13.65 -5.81 -26.81
CA GLU C 50 -13.84 -6.91 -25.86
C GLU C 50 -14.41 -6.40 -24.55
N TYR C 51 -13.94 -5.23 -24.12
CA TYR C 51 -14.47 -4.55 -22.95
C TYR C 51 -15.97 -4.38 -23.09
N TYR C 52 -16.41 -3.78 -24.20
CA TYR C 52 -17.81 -3.48 -24.36
C TYR C 52 -18.71 -4.72 -24.66
N GLU C 53 -18.12 -5.85 -25.07
CA GLU C 53 -18.90 -7.11 -25.21
C GLU C 53 -19.39 -7.57 -23.83
N LEU C 54 -18.53 -7.39 -22.83
CA LEU C 54 -18.81 -7.87 -21.46
C LEU C 54 -19.60 -6.86 -20.60
N ILE C 55 -19.18 -5.60 -20.68
CA ILE C 55 -19.70 -4.57 -19.79
C ILE C 55 -20.84 -3.89 -20.49
N ARG C 56 -22.04 -4.13 -19.96
CA ARG C 56 -23.27 -3.60 -20.52
C ARG C 56 -23.47 -2.10 -20.25
N LYS C 57 -22.92 -1.63 -19.14
CA LYS C 57 -23.14 -0.26 -18.69
C LYS C 57 -21.80 0.38 -18.36
N PRO C 58 -20.99 0.68 -19.39
CA PRO C 58 -19.66 1.21 -19.12
C PRO C 58 -19.74 2.62 -18.51
N VAL C 59 -18.76 2.94 -17.69
CA VAL C 59 -18.75 4.25 -17.05
C VAL C 59 -17.30 4.57 -16.62
N ASP C 60 -16.92 5.82 -16.77
CA ASP C 60 -15.63 6.29 -16.27
C ASP C 60 -15.82 7.60 -15.50
N PHE C 61 -14.75 8.11 -14.91
CA PHE C 61 -14.86 9.36 -14.08
C PHE C 61 -15.14 10.61 -14.91
N LYS C 62 -14.72 10.63 -16.18
CA LYS C 62 -15.09 11.69 -17.07
C LYS C 62 -16.61 11.69 -17.28
N LYS C 63 -17.22 10.51 -17.49
CA LYS C 63 -18.68 10.47 -17.68
C LYS C 63 -19.40 10.91 -16.36
N ILE C 64 -18.84 10.50 -15.22
CA ILE C 64 -19.45 10.78 -13.89
C ILE C 64 -19.45 12.31 -13.72
N LYS C 65 -18.31 12.94 -14.02
CA LYS C 65 -18.20 14.46 -14.05
C LYS C 65 -19.26 15.08 -14.90
N GLU C 66 -19.42 14.57 -16.12
CA GLU C 66 -20.46 14.96 -17.03
C GLU C 66 -21.88 14.85 -16.43
N ARG C 67 -22.17 13.76 -15.74
CA ARG C 67 -23.48 13.54 -15.16
C ARG C 67 -23.73 14.46 -13.93
N ILE C 68 -22.68 14.85 -13.23
CA ILE C 68 -22.83 15.87 -12.16
C ILE C 68 -23.20 17.24 -12.80
N ARG C 69 -22.36 17.64 -13.77
CA ARG C 69 -22.43 18.95 -14.42
C ARG C 69 -23.78 19.11 -15.11
N ASN C 70 -24.28 18.03 -15.71
CA ASN C 70 -25.60 18.03 -16.32
C ASN C 70 -26.78 17.58 -15.45
N HIS C 71 -26.58 17.54 -14.16
CA HIS C 71 -27.66 17.40 -13.18
C HIS C 71 -28.41 16.08 -13.32
N LYS C 72 -27.68 15.01 -13.67
CA LYS C 72 -28.28 13.72 -13.95
C LYS C 72 -28.49 12.95 -12.67
N TYR C 73 -27.67 13.17 -11.66
CA TYR C 73 -27.86 12.50 -10.37
C TYR C 73 -28.85 13.29 -9.49
N ARG C 74 -29.94 12.66 -9.10
CA ARG C 74 -30.98 13.34 -8.35
C ARG C 74 -30.71 13.33 -6.83
N SER C 75 -29.73 12.54 -6.38
CA SER C 75 -29.37 12.47 -4.96
C SER C 75 -27.93 12.00 -4.88
N LEU C 76 -27.31 12.09 -3.71
CA LEU C 76 -26.01 11.48 -3.55
C LEU C 76 -26.09 9.91 -3.55
N GLY C 77 -27.29 9.35 -3.33
CA GLY C 77 -27.56 7.91 -3.59
C GLY C 77 -27.36 7.56 -5.07
N ASP C 78 -27.89 8.38 -5.97
CA ASP C 78 -27.73 8.13 -7.41
C ASP C 78 -26.26 8.25 -7.80
N LEU C 79 -25.57 9.25 -7.30
CA LEU C 79 -24.13 9.37 -7.54
C LEU C 79 -23.33 8.12 -7.07
N GLU C 80 -23.62 7.66 -5.85
CA GLU C 80 -22.93 6.50 -5.28
C GLU C 80 -23.12 5.27 -6.18
N LYS C 81 -24.35 5.08 -6.64
CA LYS C 81 -24.68 3.98 -7.46
C LYS C 81 -23.83 3.97 -8.73
N ASP C 82 -23.56 5.14 -9.35
CA ASP C 82 -22.64 5.15 -10.52
C ASP C 82 -21.19 4.84 -10.19
N VAL C 83 -20.74 5.31 -9.04
CA VAL C 83 -19.38 5.02 -8.62
C VAL C 83 -19.24 3.51 -8.29
N MET C 84 -20.30 2.91 -7.72
CA MET C 84 -20.23 1.48 -7.38
C MET C 84 -20.18 0.65 -8.67
N LEU C 85 -20.85 1.15 -9.71
CA LEU C 85 -20.92 0.51 -11.02
C LEU C 85 -19.57 0.56 -11.68
N LEU C 86 -18.97 1.74 -11.70
CA LEU C 86 -17.60 1.90 -12.17
C LEU C 86 -16.66 0.86 -11.51
N CYS C 87 -16.74 0.70 -10.21
CA CYS C 87 -15.88 -0.25 -9.51
C CYS C 87 -16.23 -1.69 -9.88
N HIS C 88 -17.50 -1.98 -9.89
CA HIS C 88 -17.99 -3.31 -10.23
C HIS C 88 -17.58 -3.71 -11.67
N ASN C 89 -17.67 -2.80 -12.62
CA ASN C 89 -17.23 -3.08 -13.99
C ASN C 89 -15.74 -3.37 -14.01
N ALA C 90 -14.96 -2.64 -13.24
CA ALA C 90 -13.53 -2.91 -13.24
C ALA C 90 -13.27 -4.29 -12.55
N GLN C 91 -14.13 -4.71 -11.64
CA GLN C 91 -13.97 -6.00 -10.93
C GLN C 91 -14.47 -7.14 -11.80
N THR C 92 -15.51 -6.88 -12.59
CA THR C 92 -15.97 -7.79 -13.61
C THR C 92 -14.88 -8.06 -14.69
N PHE C 93 -14.27 -7.03 -15.23
CA PHE C 93 -13.40 -7.16 -16.40
C PHE C 93 -11.98 -7.56 -16.14
N ASN C 94 -11.41 -7.08 -15.04
CA ASN C 94 -10.04 -7.31 -14.72
C ASN C 94 -9.88 -8.48 -13.79
N LEU C 95 -8.72 -9.07 -13.79
CA LEU C 95 -8.49 -10.32 -13.03
C LEU C 95 -8.49 -10.05 -11.53
N GLU C 96 -8.98 -10.99 -10.74
CA GLU C 96 -8.73 -10.93 -9.29
C GLU C 96 -7.30 -10.75 -9.04
N GLY C 97 -6.99 -10.06 -7.96
CA GLY C 97 -5.63 -9.97 -7.59
C GLY C 97 -4.91 -8.93 -8.39
N SER C 98 -5.36 -8.61 -9.62
CA SER C 98 -4.65 -7.65 -10.46
C SER C 98 -4.73 -6.26 -9.85
N GLN C 99 -3.85 -5.36 -10.29
CA GLN C 99 -3.76 -4.01 -9.71
C GLN C 99 -5.02 -3.17 -9.90
N ILE C 100 -5.61 -3.28 -11.10
CA ILE C 100 -6.84 -2.57 -11.43
C ILE C 100 -7.98 -3.03 -10.53
N TYR C 101 -8.10 -4.35 -10.36
CA TYR C 101 -9.11 -4.96 -9.49
C TYR C 101 -8.99 -4.37 -8.08
N GLU C 102 -7.79 -4.43 -7.52
CA GLU C 102 -7.54 -3.98 -6.16
C GLU C 102 -7.83 -2.50 -5.95
N ASP C 103 -7.27 -1.67 -6.84
CA ASP C 103 -7.60 -0.23 -6.94
C ASP C 103 -9.08 0.12 -6.91
N SER C 104 -9.90 -0.64 -7.62
CA SER C 104 -11.34 -0.35 -7.63
C SER C 104 -11.98 -0.56 -6.23
N ILE C 105 -11.49 -1.56 -5.50
CA ILE C 105 -12.01 -1.83 -4.17
C ILE C 105 -11.67 -0.68 -3.25
N VAL C 106 -10.49 -0.13 -3.41
CA VAL C 106 -10.01 0.95 -2.59
C VAL C 106 -10.85 2.21 -2.92
N LEU C 107 -10.99 2.52 -4.21
CA LEU C 107 -11.72 3.70 -4.61
C LEU C 107 -13.19 3.68 -4.12
N GLN C 108 -13.81 2.49 -4.00
CA GLN C 108 -15.13 2.32 -3.36
C GLN C 108 -15.17 2.82 -1.90
N SER C 109 -14.18 2.38 -1.11
CA SER C 109 -13.97 2.87 0.26
C SER C 109 -13.73 4.37 0.33
N VAL C 110 -12.86 4.88 -0.55
CA VAL C 110 -12.63 6.30 -0.57
C VAL C 110 -13.92 7.07 -0.85
N PHE C 111 -14.78 6.52 -1.68
CA PHE C 111 -16.00 7.23 -1.97
C PHE C 111 -16.88 7.28 -0.73
N LYS C 112 -16.99 6.14 -0.06
CA LYS C 112 -17.81 6.01 1.14
C LYS C 112 -17.32 6.96 2.21
N SER C 113 -15.99 7.01 2.40
CA SER C 113 -15.35 7.90 3.38
C SER C 113 -15.45 9.37 3.00
N ALA C 114 -15.30 9.68 1.71
CA ALA C 114 -15.46 11.05 1.29
C ALA C 114 -16.92 11.42 1.32
N ARG C 115 -17.83 10.47 1.12
CA ARG C 115 -19.25 10.79 1.22
C ARG C 115 -19.57 11.05 2.70
N GLN C 116 -19.08 10.19 3.56
CA GLN C 116 -19.51 10.23 4.97
C GLN C 116 -19.25 11.50 5.77
N LYS C 117 -19.14 12.65 5.10
CA LYS C 117 -18.79 13.92 5.69
C LYS C 117 -19.70 15.02 5.15
ZN ZN D . -0.79 22.64 10.45
ZN ZN E . 12.76 8.83 -19.88
ZN ZN F . -25.91 23.57 -14.85
#